data_9C6Z
#
_entry.id   9C6Z
#
_cell.length_a   101.370
_cell.length_b   101.370
_cell.length_c   65.230
_cell.angle_alpha   90.000
_cell.angle_beta   90.000
_cell.angle_gamma   120.000
#
_symmetry.space_group_name_H-M   'P 31 2 1'
#
loop_
_entity.id
_entity.type
_entity.pdbx_description
1 polymer 'Superantigen-like protein 11'
2 non-polymer 'PENTAETHYLENE GLYCOL'
3 non-polymer (4aR,5S,6S,8R,8aS)-6-(hydroxymethyl)-8-methoxy-2,2-dimethylhexahydro-2H-pyrano[3,4-d][1,3]dioxin-5-ol
4 non-polymer 'N-acetyl-alpha-neuraminic acid'
5 non-polymer 'ZINC ION'
6 non-polymer 'SULFATE ION'
7 water water
#
_entity_poly.entity_id   1
_entity_poly.type   'polypeptide(L)'
_entity_poly.pdbx_seq_one_letter_code
;STLEVRSQATQDLSEYYNRPYFDLRNLSGYREGNTVTFINHYQQTDVKLEGKDKDKIKDGNNENLDVFVVREGSGRQADN
NSIGGITKTNRTQHIDTVQNVNLLVSKSTGQHTTSVTSTNYSIYKEEISLKELDFKLRKHLIDKHDLYKTEPKDSKIRVT
MKNGDFYTFELNKKLQTHRMGDVIDGRNIEKIEVNL
;
_entity_poly.pdbx_strand_id   A
#
# COMPACT_ATOMS: atom_id res chain seq x y z
N ARG A 6 -6.49 9.75 -23.06
CA ARG A 6 -6.40 8.97 -21.79
C ARG A 6 -7.55 7.96 -21.72
N SER A 7 -7.25 6.66 -21.86
CA SER A 7 -8.25 5.61 -21.72
C SER A 7 -9.04 5.78 -20.42
N GLN A 8 -10.20 5.13 -20.38
CA GLN A 8 -11.05 5.11 -19.21
C GLN A 8 -10.31 4.35 -18.11
N ALA A 9 -9.51 3.34 -18.53
CA ALA A 9 -8.77 2.47 -17.65
C ALA A 9 -7.79 3.30 -16.82
N THR A 10 -7.06 4.17 -17.51
CA THR A 10 -6.07 5.00 -16.86
C THR A 10 -6.77 6.06 -16.03
N GLN A 11 -7.90 6.58 -16.52
CA GLN A 11 -8.70 7.52 -15.75
C GLN A 11 -9.10 6.89 -14.43
N ASP A 12 -9.52 5.61 -14.48
CA ASP A 12 -10.02 4.88 -13.32
C ASP A 12 -8.89 4.63 -12.32
N LEU A 13 -7.70 4.24 -12.80
CA LEU A 13 -6.54 4.10 -11.93
C LEU A 13 -6.21 5.42 -11.22
N SER A 14 -6.24 6.51 -11.97
CA SER A 14 -6.00 7.85 -11.45
C SER A 14 -7.00 8.22 -10.33
N GLU A 15 -8.29 7.95 -10.58
CA GLU A 15 -9.33 8.19 -9.58
C GLU A 15 -9.07 7.36 -8.32
N TYR A 16 -8.78 6.06 -8.50
CA TYR A 16 -8.66 5.18 -7.35
C TYR A 16 -7.49 5.56 -6.46
N TYR A 17 -6.35 5.90 -7.08
CA TYR A 17 -5.11 6.11 -6.34
C TYR A 17 -5.01 7.53 -5.82
N ASN A 18 -5.97 8.38 -6.23
CA ASN A 18 -6.18 9.68 -5.63
C ASN A 18 -7.22 9.67 -4.51
N ARG A 19 -7.77 8.52 -4.16
CA ARG A 19 -8.73 8.47 -3.07
C ARG A 19 -8.02 8.73 -1.75
N PRO A 20 -8.77 9.25 -0.77
CA PRO A 20 -8.25 9.44 0.58
C PRO A 20 -7.81 8.11 1.13
N TYR A 21 -6.83 8.09 2.02
CA TYR A 21 -6.53 6.90 2.78
C TYR A 21 -6.32 7.32 4.22
N PHE A 22 -6.52 6.38 5.15
CA PHE A 22 -6.33 6.62 6.56
C PHE A 22 -5.33 5.57 7.04
N ASP A 23 -4.44 6.00 7.91
CA ASP A 23 -3.46 5.17 8.54
C ASP A 23 -3.82 5.16 10.02
N LEU A 24 -4.48 4.07 10.46
CA LEU A 24 -4.99 3.94 11.80
C LEU A 24 -4.03 3.06 12.61
N ARG A 25 -3.88 3.38 13.90
CA ARG A 25 -2.83 2.74 14.65
C ARG A 25 -3.38 2.13 15.92
N ASN A 26 -2.95 0.89 16.19
CA ASN A 26 -3.14 0.22 17.47
C ASN A 26 -4.61 0.17 17.94
N LEU A 27 -5.46 -0.48 17.13
CA LEU A 27 -6.88 -0.69 17.39
C LEU A 27 -7.17 -2.19 17.50
N SER A 28 -8.35 -2.49 18.02
CA SER A 28 -8.96 -3.82 18.01
C SER A 28 -9.82 -4.02 16.78
N GLY A 29 -9.70 -5.21 16.19
CA GLY A 29 -10.54 -5.65 15.09
C GLY A 29 -11.31 -6.93 15.46
N TYR A 30 -12.62 -6.92 15.16
CA TYR A 30 -13.51 -8.04 15.47
C TYR A 30 -13.81 -8.76 14.17
N ARG A 31 -13.33 -10.01 14.07
CA ARG A 31 -13.56 -10.83 12.88
C ARG A 31 -14.86 -11.66 12.99
N GLU A 32 -15.69 -11.52 11.97
CA GLU A 32 -16.86 -12.34 11.70
C GLU A 32 -16.84 -12.71 10.22
N GLY A 33 -16.84 -13.99 9.90
CA GLY A 33 -16.68 -14.42 8.53
C GLY A 33 -15.32 -13.98 8.05
N ASN A 34 -15.34 -13.24 6.96
CA ASN A 34 -14.14 -12.72 6.33
C ASN A 34 -14.07 -11.20 6.37
N THR A 35 -14.76 -10.59 7.34
CA THR A 35 -14.77 -9.17 7.57
C THR A 35 -14.26 -8.87 8.97
N VAL A 36 -13.39 -7.86 9.08
CA VAL A 36 -12.92 -7.39 10.37
C VAL A 36 -13.38 -5.94 10.57
N THR A 37 -14.10 -5.68 11.66
CA THR A 37 -14.66 -4.36 11.93
C THR A 37 -13.78 -3.64 12.96
N PHE A 38 -13.27 -2.46 12.57
CA PHE A 38 -12.60 -1.52 13.43
C PHE A 38 -13.48 -0.29 13.63
N ILE A 39 -13.47 0.24 14.84
CA ILE A 39 -14.23 1.44 15.15
C ILE A 39 -13.32 2.40 15.92
N ASN A 40 -13.21 3.66 15.46
CA ASN A 40 -12.73 4.69 16.37
C ASN A 40 -13.79 5.81 16.52
N HIS A 41 -13.39 6.97 17.04
CA HIS A 41 -14.37 8.00 17.32
C HIS A 41 -14.80 8.72 16.04
N TYR A 42 -14.20 8.40 14.89
CA TYR A 42 -14.53 9.14 13.70
C TYR A 42 -15.26 8.23 12.73
N GLN A 43 -14.75 7.01 12.57
CA GLN A 43 -15.28 6.11 11.58
C GLN A 43 -15.31 4.67 12.09
N GLN A 44 -16.17 3.89 11.42
CA GLN A 44 -16.19 2.44 11.45
C GLN A 44 -15.70 1.94 10.09
N THR A 45 -14.84 0.93 10.12
CA THR A 45 -14.33 0.38 8.87
C THR A 45 -14.51 -1.13 8.92
N ASP A 46 -15.06 -1.66 7.82
CA ASP A 46 -15.23 -3.09 7.60
C ASP A 46 -14.19 -3.55 6.59
N VAL A 47 -13.25 -4.33 7.09
CA VAL A 47 -12.11 -4.72 6.30
C VAL A 47 -12.29 -6.14 5.84
N LYS A 48 -12.19 -6.35 4.53
CA LYS A 48 -12.43 -7.63 3.92
C LYS A 48 -11.10 -8.43 3.82
N LEU A 49 -11.10 -9.68 4.29
CA LEU A 49 -9.96 -10.56 4.13
C LEU A 49 -10.13 -11.36 2.83
N GLU A 50 -9.22 -11.22 1.87
CA GLU A 50 -9.36 -11.87 0.57
C GLU A 50 -8.12 -12.64 0.16
N GLY A 51 -7.23 -12.97 1.10
CA GLY A 51 -5.99 -13.62 0.77
C GLY A 51 -5.49 -14.43 1.96
N LYS A 52 -4.18 -14.54 2.16
CA LYS A 52 -3.63 -15.32 3.26
C LYS A 52 -3.80 -14.61 4.60
N ASP A 53 -4.29 -13.37 4.61
CA ASP A 53 -4.72 -12.73 5.85
C ASP A 53 -5.83 -13.53 6.52
N LYS A 54 -6.60 -14.27 5.69
CA LYS A 54 -7.68 -15.11 6.19
C LYS A 54 -7.22 -16.16 7.21
N ASP A 55 -5.95 -16.59 7.09
CA ASP A 55 -5.38 -17.60 7.95
C ASP A 55 -4.67 -16.97 9.13
N LYS A 56 -4.59 -15.64 9.19
CA LYS A 56 -3.85 -15.03 10.27
C LYS A 56 -4.79 -14.41 11.31
N ILE A 57 -5.86 -13.75 10.86
CA ILE A 57 -6.75 -13.08 11.80
C ILE A 57 -7.65 -14.12 12.47
N LYS A 58 -7.67 -14.11 13.81
CA LYS A 58 -8.52 -14.99 14.59
C LYS A 58 -9.99 -14.57 14.45
N ASP A 59 -10.87 -15.59 14.49
CA ASP A 59 -12.28 -15.39 14.71
C ASP A 59 -12.44 -14.55 15.98
N GLY A 60 -13.33 -13.56 15.94
CA GLY A 60 -13.57 -12.76 17.13
C GLY A 60 -12.60 -11.58 17.25
N ASN A 61 -12.28 -11.22 18.49
CA ASN A 61 -11.55 -10.00 18.76
C ASN A 61 -10.05 -10.22 18.55
N ASN A 62 -9.40 -9.23 17.87
CA ASN A 62 -7.97 -9.14 17.71
C ASN A 62 -7.48 -7.76 18.15
N GLU A 63 -6.43 -7.77 19.00
CA GLU A 63 -5.88 -6.57 19.63
C GLU A 63 -4.64 -6.06 18.91
N ASN A 64 -4.34 -4.76 19.12
CA ASN A 64 -3.08 -4.14 18.75
C ASN A 64 -2.79 -4.27 17.24
N LEU A 65 -3.73 -3.86 16.39
CA LEU A 65 -3.52 -3.89 14.94
C LEU A 65 -3.47 -2.48 14.36
N ASP A 66 -2.72 -2.34 13.27
CA ASP A 66 -2.77 -1.15 12.44
C ASP A 66 -3.63 -1.50 11.24
N VAL A 67 -4.17 -0.49 10.57
CA VAL A 67 -4.97 -0.68 9.37
C VAL A 67 -4.74 0.48 8.43
N PHE A 68 -4.48 0.13 7.18
CA PHE A 68 -4.39 1.07 6.09
C PHE A 68 -5.72 0.98 5.32
N VAL A 69 -6.50 2.07 5.40
CA VAL A 69 -7.88 2.10 4.94
C VAL A 69 -8.02 2.88 3.63
N VAL A 70 -8.64 2.25 2.63
CA VAL A 70 -9.11 2.94 1.42
C VAL A 70 -10.54 2.47 1.13
N ARG A 71 -11.47 3.42 1.02
CA ARG A 71 -12.86 3.06 0.84
C ARG A 71 -13.04 2.61 -0.61
N GLU A 72 -13.64 1.44 -0.80
CA GLU A 72 -13.89 0.89 -2.13
C GLU A 72 -15.25 1.35 -2.62
N GLY A 73 -15.45 1.29 -3.94
CA GLY A 73 -16.67 1.77 -4.56
C GLY A 73 -17.80 0.75 -4.46
N ARG A 76 -23.44 -0.59 -3.58
CA ARG A 76 -22.30 0.30 -3.26
C ARG A 76 -22.78 1.68 -2.81
N GLN A 77 -23.19 1.80 -1.54
CA GLN A 77 -23.57 3.08 -0.95
C GLN A 77 -23.36 3.01 0.56
N ALA A 78 -23.24 4.19 1.22
CA ALA A 78 -23.03 4.31 2.66
C ALA A 78 -22.06 3.25 3.19
N ASP A 79 -21.15 2.79 2.31
CA ASP A 79 -20.23 1.70 2.61
C ASP A 79 -18.96 2.28 3.23
N ASN A 80 -18.43 1.62 4.27
CA ASN A 80 -17.05 1.87 4.67
C ASN A 80 -16.26 0.58 4.57
N ASN A 81 -16.23 0.05 3.33
CA ASN A 81 -15.56 -1.20 3.07
C ASN A 81 -14.15 -0.88 2.61
N SER A 82 -13.19 -1.65 3.09
CA SER A 82 -11.83 -1.61 2.61
C SER A 82 -11.33 -3.05 2.51
N ILE A 83 -10.20 -3.30 1.89
CA ILE A 83 -9.71 -4.65 1.65
C ILE A 83 -8.27 -4.78 2.13
N GLY A 84 -7.99 -5.71 3.04
CA GLY A 84 -6.62 -5.91 3.48
C GLY A 84 -6.07 -4.72 4.28
N GLY A 85 -4.76 -4.54 4.21
CA GLY A 85 -4.17 -3.41 4.89
C GLY A 85 -3.98 -3.60 6.40
N ILE A 86 -4.23 -4.78 6.96
CA ILE A 86 -4.07 -5.01 8.41
C ILE A 86 -2.65 -5.46 8.74
N THR A 87 -2.06 -4.85 9.78
CA THR A 87 -0.73 -5.24 10.24
C THR A 87 -0.72 -5.29 11.75
N LYS A 88 0.34 -5.89 12.29
CA LYS A 88 0.64 -5.74 13.70
C LYS A 88 1.23 -4.37 14.00
N THR A 89 0.75 -3.72 15.06
CA THR A 89 1.24 -2.42 15.48
C THR A 89 2.69 -2.60 15.93
N ASN A 90 3.47 -1.49 15.92
CA ASN A 90 4.86 -1.49 16.34
C ASN A 90 4.96 -1.95 17.78
N ARG A 91 5.92 -2.83 18.06
CA ARG A 91 6.06 -3.43 19.39
C ARG A 91 6.60 -2.40 20.37
N THR A 92 7.44 -1.48 19.88
CA THR A 92 7.95 -0.36 20.65
C THR A 92 7.71 0.92 19.85
N GLN A 93 7.73 2.06 20.55
CA GLN A 93 7.61 3.36 19.91
C GLN A 93 8.89 3.71 19.16
N HIS A 94 8.75 4.16 17.93
CA HIS A 94 9.87 4.62 17.14
C HIS A 94 9.64 6.11 16.92
N ILE A 95 10.49 6.95 17.52
CA ILE A 95 10.43 8.36 17.23
C ILE A 95 11.19 8.64 15.94
N ASP A 96 12.29 7.91 15.72
CA ASP A 96 12.98 7.97 14.43
C ASP A 96 12.32 6.98 13.48
N THR A 97 12.60 7.13 12.20
CA THR A 97 12.06 6.19 11.24
C THR A 97 12.59 4.78 11.59
N VAL A 98 11.79 3.76 11.28
CA VAL A 98 12.21 2.40 11.49
C VAL A 98 13.33 2.05 10.51
N GLN A 99 13.23 2.55 9.26
CA GLN A 99 14.22 2.29 8.22
C GLN A 99 14.21 3.43 7.20
N ASN A 100 15.38 3.68 6.60
CA ASN A 100 15.50 4.60 5.49
C ASN A 100 15.81 3.81 4.23
N VAL A 101 15.04 4.08 3.17
CA VAL A 101 15.09 3.26 1.98
C VAL A 101 15.34 4.15 0.78
N ASN A 102 16.27 3.73 -0.08
CA ASN A 102 16.54 4.44 -1.32
C ASN A 102 15.41 4.15 -2.30
N LEU A 103 14.74 5.21 -2.77
CA LEU A 103 13.75 5.12 -3.82
C LEU A 103 14.33 5.70 -5.11
N LEU A 104 14.40 4.88 -6.17
CA LEU A 104 14.95 5.25 -7.47
C LEU A 104 13.81 5.28 -8.47
N VAL A 105 13.45 6.44 -8.97
CA VAL A 105 12.46 6.51 -10.04
C VAL A 105 13.19 6.89 -11.34
N SER A 106 13.09 5.99 -12.33
CA SER A 106 13.66 6.14 -13.67
C SER A 106 12.56 6.44 -14.67
N LYS A 107 12.76 7.45 -15.51
CA LYS A 107 11.78 7.82 -16.51
C LYS A 107 12.50 8.05 -17.84
N SER A 108 12.08 7.32 -18.87
CA SER A 108 12.46 7.62 -20.23
C SER A 108 11.55 8.69 -20.82
N THR A 109 12.14 9.77 -21.36
CA THR A 109 11.37 10.73 -22.12
C THR A 109 11.89 10.74 -23.56
N GLY A 110 10.96 10.91 -24.50
CA GLY A 110 11.27 10.84 -25.91
C GLY A 110 12.09 9.60 -26.22
N GLN A 111 13.01 9.75 -27.17
CA GLN A 111 13.74 8.65 -27.78
C GLN A 111 15.11 8.52 -27.11
N HIS A 112 15.65 9.61 -26.55
CA HIS A 112 17.07 9.65 -26.20
C HIS A 112 17.37 10.10 -24.76
N THR A 113 16.37 10.31 -23.91
CA THR A 113 16.63 10.85 -22.58
C THR A 113 16.23 9.87 -21.49
N THR A 114 17.15 9.66 -20.54
CA THR A 114 16.85 8.94 -19.31
C THR A 114 16.97 9.95 -18.18
N SER A 115 16.15 9.78 -17.18
CA SER A 115 16.14 10.67 -16.04
C SER A 115 15.95 9.82 -14.78
N VAL A 116 16.66 10.12 -13.69
CA VAL A 116 16.59 9.31 -12.48
C VAL A 116 16.42 10.25 -11.28
N THR A 117 15.40 10.01 -10.47
CA THR A 117 15.24 10.68 -9.20
C THR A 117 15.56 9.70 -8.09
N SER A 118 16.47 10.10 -7.21
CA SER A 118 16.93 9.23 -6.14
C SER A 118 16.66 9.91 -4.80
N THR A 119 15.73 9.40 -3.98
CA THR A 119 15.45 10.04 -2.70
C THR A 119 15.52 8.99 -1.61
N ASN A 120 15.30 9.46 -0.37
CA ASN A 120 15.14 8.59 0.78
C ASN A 120 13.65 8.38 1.05
N TYR A 121 13.24 7.12 1.19
CA TYR A 121 11.87 6.77 1.54
C TYR A 121 11.80 6.27 2.98
N SER A 122 10.94 6.94 3.75
CA SER A 122 10.82 6.73 5.20
C SER A 122 9.89 5.56 5.48
N ILE A 123 10.39 4.56 6.21
CA ILE A 123 9.58 3.49 6.76
C ILE A 123 9.36 3.77 8.26
N TYR A 124 8.10 3.87 8.68
CA TYR A 124 7.78 4.14 10.08
C TYR A 124 7.21 2.92 10.80
N LYS A 125 7.01 1.76 10.12
CA LYS A 125 6.30 0.62 10.70
C LYS A 125 7.16 -0.66 10.58
N GLU A 126 7.23 -1.43 11.67
CA GLU A 126 7.97 -2.69 11.71
C GLU A 126 7.38 -3.73 10.73
N GLU A 127 6.05 -3.76 10.62
CA GLU A 127 5.36 -4.60 9.67
C GLU A 127 4.48 -3.71 8.80
N ILE A 128 4.49 -3.96 7.48
CA ILE A 128 3.77 -3.12 6.56
C ILE A 128 3.13 -3.92 5.43
N SER A 129 1.92 -3.52 5.05
CA SER A 129 1.15 -4.24 4.07
C SER A 129 1.57 -3.85 2.66
N LEU A 130 1.46 -4.79 1.72
CA LEU A 130 1.69 -4.41 0.33
C LEU A 130 0.67 -3.35 -0.07
N LYS A 131 -0.53 -3.44 0.46
CA LYS A 131 -1.58 -2.45 0.20
C LYS A 131 -1.04 -1.04 0.40
N GLU A 132 -0.32 -0.82 1.51
CA GLU A 132 0.08 0.50 1.94
C GLU A 132 1.25 0.97 1.10
N LEU A 133 2.24 0.08 0.91
CA LEU A 133 3.34 0.42 0.03
C LEU A 133 2.79 0.78 -1.35
N ASP A 134 1.92 -0.07 -1.91
CA ASP A 134 1.45 0.13 -3.28
C ASP A 134 0.72 1.47 -3.40
N PHE A 135 -0.16 1.77 -2.43
CA PHE A 135 -1.03 2.93 -2.55
C PHE A 135 -0.17 4.21 -2.38
N LYS A 136 0.67 4.25 -1.33
CA LYS A 136 1.51 5.42 -1.06
C LYS A 136 2.45 5.67 -2.23
N LEU A 137 3.11 4.63 -2.77
CA LEU A 137 4.06 4.85 -3.83
C LEU A 137 3.34 5.39 -5.06
N ARG A 138 2.22 4.80 -5.43
CA ARG A 138 1.53 5.30 -6.60
C ARG A 138 1.11 6.75 -6.38
N LYS A 139 0.65 7.10 -5.16
CA LYS A 139 0.17 8.45 -4.91
C LYS A 139 1.36 9.41 -5.01
N HIS A 140 2.52 8.96 -4.51
CA HIS A 140 3.75 9.72 -4.69
C HIS A 140 4.03 9.99 -6.18
N LEU A 141 3.91 8.94 -7.01
CA LEU A 141 4.26 9.03 -8.42
C LEU A 141 3.22 9.87 -9.15
N ILE A 142 1.95 9.78 -8.76
CA ILE A 142 0.96 10.69 -9.31
C ILE A 142 1.40 12.13 -9.05
N ASP A 143 1.84 12.37 -7.82
CA ASP A 143 2.06 13.71 -7.32
C ASP A 143 3.37 14.25 -7.89
N LYS A 144 4.43 13.42 -7.96
CA LYS A 144 5.74 13.95 -8.28
C LYS A 144 6.16 13.61 -9.71
N HIS A 145 5.62 12.55 -10.30
CA HIS A 145 6.18 12.04 -11.54
C HIS A 145 5.11 11.84 -12.60
N ASP A 146 3.98 12.55 -12.46
CA ASP A 146 2.88 12.52 -13.43
C ASP A 146 2.33 11.14 -13.76
N LEU A 147 2.27 10.22 -12.79
CA LEU A 147 1.68 8.92 -13.05
C LEU A 147 0.22 9.08 -13.46
N TYR A 148 -0.19 8.38 -14.53
CA TYR A 148 -1.56 8.33 -14.99
C TYR A 148 -1.97 9.66 -15.61
N LYS A 149 -0.99 10.46 -16.03
CA LYS A 149 -1.23 11.53 -16.99
C LYS A 149 -1.14 10.98 -18.42
N THR A 150 -0.29 9.97 -18.60
CA THR A 150 -0.20 9.21 -19.82
C THR A 150 -0.56 7.76 -19.51
N GLU A 151 -0.69 6.96 -20.58
CA GLU A 151 -0.86 5.53 -20.45
C GLU A 151 0.37 4.95 -19.76
N PRO A 152 0.19 4.14 -18.69
CA PRO A 152 1.31 3.58 -17.94
C PRO A 152 2.05 2.43 -18.59
N LYS A 153 1.40 1.65 -19.46
CA LYS A 153 2.11 0.66 -20.26
C LYS A 153 2.76 -0.36 -19.33
N ASP A 154 4.06 -0.60 -19.48
CA ASP A 154 4.74 -1.68 -18.77
C ASP A 154 5.40 -1.19 -17.47
N SER A 155 5.09 0.07 -17.07
CA SER A 155 5.55 0.66 -15.82
C SER A 155 5.36 -0.24 -14.61
N LYS A 156 6.38 -0.39 -13.76
CA LYS A 156 6.30 -1.21 -12.56
C LYS A 156 7.02 -0.57 -11.37
N ILE A 157 6.63 -0.97 -10.17
CA ILE A 157 7.43 -0.77 -8.96
C ILE A 157 8.03 -2.12 -8.56
N ARG A 158 9.27 -2.12 -8.09
CA ARG A 158 9.82 -3.30 -7.46
C ARG A 158 10.41 -2.93 -6.10
N VAL A 159 9.98 -3.67 -5.08
CA VAL A 159 10.45 -3.54 -3.70
C VAL A 159 11.36 -4.73 -3.41
N THR A 160 12.64 -4.47 -3.11
CA THR A 160 13.62 -5.52 -2.88
C THR A 160 13.99 -5.58 -1.40
N MET A 161 13.96 -6.79 -0.83
CA MET A 161 14.31 -6.96 0.55
C MET A 161 15.80 -7.20 0.63
N LYS A 162 16.33 -7.15 1.86
CA LYS A 162 17.75 -7.23 2.10
C LYS A 162 18.28 -8.59 1.68
N ASN A 163 17.42 -9.61 1.67
CA ASN A 163 17.85 -10.94 1.28
C ASN A 163 17.66 -11.21 -0.21
N GLY A 164 17.30 -10.21 -1.03
CA GLY A 164 17.08 -10.42 -2.46
C GLY A 164 15.65 -10.79 -2.87
N ASP A 165 14.80 -11.23 -1.93
CA ASP A 165 13.37 -11.33 -2.20
C ASP A 165 12.85 -10.01 -2.79
N PHE A 166 11.80 -10.06 -3.63
CA PHE A 166 11.23 -8.84 -4.18
C PHE A 166 9.73 -8.98 -4.45
N TYR A 167 9.08 -7.84 -4.58
CA TYR A 167 7.63 -7.76 -4.77
C TYR A 167 7.43 -6.76 -5.90
N THR A 168 6.55 -7.07 -6.86
CA THR A 168 6.36 -6.22 -8.04
C THR A 168 4.93 -5.71 -8.07
N PHE A 169 4.75 -4.40 -8.29
CA PHE A 169 3.44 -3.82 -8.50
C PHE A 169 3.38 -3.31 -9.93
N GLU A 170 2.50 -3.90 -10.76
CA GLU A 170 2.33 -3.44 -12.13
C GLU A 170 1.34 -2.30 -12.19
N LEU A 171 1.75 -1.20 -12.81
CA LEU A 171 1.07 0.06 -12.63
C LEU A 171 -0.08 0.26 -13.62
N ASN A 172 -0.22 -0.67 -14.57
CA ASN A 172 -1.31 -0.63 -15.54
C ASN A 172 -2.58 -1.34 -15.04
N LYS A 173 -2.56 -1.88 -13.80
CA LYS A 173 -3.76 -2.39 -13.15
C LYS A 173 -3.68 -2.12 -11.64
N LYS A 174 -4.83 -2.22 -10.98
CA LYS A 174 -4.83 -2.14 -9.52
C LYS A 174 -4.02 -3.31 -8.96
N LEU A 175 -3.65 -3.16 -7.71
CA LEU A 175 -3.06 -4.24 -6.93
C LEU A 175 -4.16 -5.26 -6.79
N GLN A 176 -3.80 -6.52 -7.02
CA GLN A 176 -4.71 -7.64 -6.84
C GLN A 176 -5.15 -7.73 -5.38
N THR A 177 -6.44 -8.05 -5.17
CA THR A 177 -7.04 -7.89 -3.85
C THR A 177 -6.47 -8.94 -2.90
N HIS A 178 -6.01 -10.06 -3.44
CA HIS A 178 -5.47 -11.12 -2.61
C HIS A 178 -4.11 -10.73 -2.04
N ARG A 179 -3.47 -9.73 -2.65
CA ARG A 179 -2.19 -9.26 -2.18
C ARG A 179 -2.30 -8.13 -1.13
N MET A 180 -3.44 -7.45 -1.03
CA MET A 180 -3.58 -6.29 -0.14
C MET A 180 -3.32 -6.61 1.34
N GLY A 181 -3.53 -7.84 1.77
CA GLY A 181 -3.33 -8.23 3.16
C GLY A 181 -2.01 -8.95 3.41
N ASP A 182 -1.18 -9.07 2.37
CA ASP A 182 0.18 -9.53 2.59
C ASP A 182 1.05 -8.45 3.27
N VAL A 183 1.91 -8.90 4.19
CA VAL A 183 2.71 -8.02 5.03
C VAL A 183 4.18 -8.43 4.91
N ILE A 184 5.08 -7.44 5.04
CA ILE A 184 6.52 -7.65 5.06
C ILE A 184 7.08 -6.88 6.25
N ASP A 185 8.31 -7.27 6.57
CA ASP A 185 9.09 -6.64 7.61
C ASP A 185 9.75 -5.37 7.07
N GLY A 186 9.28 -4.23 7.58
CA GLY A 186 9.75 -2.94 7.14
C GLY A 186 11.26 -2.77 7.35
N ARG A 187 11.79 -3.34 8.45
CA ARG A 187 13.21 -3.27 8.73
C ARG A 187 14.04 -3.88 7.59
N ASN A 188 13.48 -4.82 6.85
CA ASN A 188 14.29 -5.54 5.90
C ASN A 188 14.10 -5.05 4.49
N ILE A 189 13.39 -3.93 4.30
CA ILE A 189 13.33 -3.39 2.94
C ILE A 189 14.68 -2.76 2.62
N GLU A 190 15.19 -3.00 1.41
CA GLU A 190 16.49 -2.52 0.99
C GLU A 190 16.32 -1.33 0.06
N LYS A 191 15.50 -1.49 -0.99
CA LYS A 191 15.33 -0.42 -1.96
C LYS A 191 14.05 -0.60 -2.77
N ILE A 192 13.66 0.47 -3.44
CA ILE A 192 12.43 0.51 -4.22
C ILE A 192 12.82 1.17 -5.54
N GLU A 193 12.56 0.48 -6.64
CA GLU A 193 12.86 1.00 -7.96
C GLU A 193 11.59 1.07 -8.78
N VAL A 194 11.43 2.17 -9.53
CA VAL A 194 10.27 2.44 -10.34
C VAL A 194 10.80 2.79 -11.73
N ASN A 195 10.17 2.19 -12.74
CA ASN A 195 10.53 2.36 -14.14
C ASN A 195 9.31 2.92 -14.87
N LEU A 196 9.36 4.21 -15.21
CA LEU A 196 8.26 4.90 -15.85
C LEU A 196 8.51 5.16 -17.37
#